data_3FW4
#
_entry.id   3FW4
#
_cell.length_a   115.421
_cell.length_b   115.421
_cell.length_c   118.801
_cell.angle_alpha   90.00
_cell.angle_beta   90.00
_cell.angle_gamma   90.00
#
_symmetry.space_group_name_H-M   'P 41 21 2'
#
loop_
_entity.id
_entity.type
_entity.pdbx_description
1 polymer 'Neutrophil gelatinase-associated lipocalin'
2 non-polymer 'FE (III) ION'
3 non-polymer CATECHOL
4 non-polymer 'SODIUM ION'
5 non-polymer 'CHLORIDE ION'
6 non-polymer GLYCEROL
7 water water
#
_entity_poly.entity_id   1
_entity_poly.type   'polypeptide(L)'
_entity_poly.pdbx_seq_one_letter_code
;QDSTSDLIPAPPLSKVPLQQNFQDNQFQGKWYVVGLAGNAILREDKDPQKMYATIYELKEDKSYNVTSVLFRKKKCDYWI
RTFVPGSQPGEFTLGNIKSYPGLTSYLVRVVSTNYNQHAMVFFKKVSQNREYFKITLYGRTKELTSELKENFIRFSKSLG
LPENHIVFPVPIDQCIDG
;
_entity_poly.pdbx_strand_id   A,B,C
#
loop_
_chem_comp.id
_chem_comp.type
_chem_comp.name
_chem_comp.formula
CAQ non-polymer CATECHOL 'C6 H6 O2'
CL non-polymer 'CHLORIDE ION' 'Cl -1'
FE non-polymer 'FE (III) ION' 'Fe 3'
GOL non-polymer GLYCEROL 'C3 H8 O3'
NA non-polymer 'SODIUM ION' 'Na 1'
#
# COMPACT_ATOMS: atom_id res chain seq x y z
N SER A 5 -2.23 -32.68 9.03
CA SER A 5 -3.04 -33.55 9.93
C SER A 5 -4.02 -32.71 10.76
N ASP A 6 -3.51 -31.66 11.40
CA ASP A 6 -4.35 -30.72 12.16
C ASP A 6 -4.48 -29.40 11.38
N LEU A 7 -5.71 -29.03 11.03
CA LEU A 7 -5.96 -27.83 10.24
C LEU A 7 -7.03 -26.93 10.85
N ILE A 8 -6.84 -25.62 10.70
CA ILE A 8 -7.87 -24.65 11.07
C ILE A 8 -9.04 -24.85 10.10
N PRO A 9 -10.27 -25.00 10.64
CA PRO A 9 -11.42 -25.28 9.77
C PRO A 9 -11.68 -24.18 8.74
N ALA A 10 -12.17 -24.57 7.56
CA ALA A 10 -12.57 -23.62 6.54
C ALA A 10 -13.80 -22.84 7.02
N PRO A 11 -13.81 -21.52 6.79
CA PRO A 11 -14.94 -20.72 7.24
C PRO A 11 -16.18 -20.96 6.40
N PRO A 12 -17.38 -20.74 6.98
CA PRO A 12 -18.57 -20.77 6.14
C PRO A 12 -18.54 -19.67 5.09
N LEU A 13 -19.12 -19.95 3.92
CA LEU A 13 -19.13 -19.00 2.80
C LEU A 13 -19.75 -17.65 3.17
N SER A 14 -20.65 -17.65 4.16
CA SER A 14 -21.27 -16.42 4.66
C SER A 14 -20.26 -15.38 5.17
N LYS A 15 -19.12 -15.85 5.67
CA LYS A 15 -18.05 -14.97 6.17
C LYS A 15 -17.10 -14.46 5.06
N VAL A 16 -17.29 -14.93 3.84
CA VAL A 16 -16.45 -14.54 2.70
C VAL A 16 -17.27 -13.72 1.72
N PRO A 17 -17.11 -12.37 1.74
CA PRO A 17 -17.84 -11.51 0.81
C PRO A 17 -17.49 -11.76 -0.66
N LEU A 18 -18.39 -11.35 -1.54
CA LEU A 18 -18.16 -11.40 -2.98
C LEU A 18 -18.08 -9.98 -3.53
N GLN A 19 -17.19 -9.77 -4.50
CA GLN A 19 -17.09 -8.48 -5.18
C GLN A 19 -18.32 -8.30 -6.07
N GLN A 20 -19.15 -7.31 -5.74
CA GLN A 20 -20.37 -7.04 -6.49
CA GLN A 20 -20.37 -7.05 -6.49
C GLN A 20 -20.04 -6.41 -7.83
N ASN A 21 -20.86 -6.69 -8.84
CA ASN A 21 -20.69 -6.17 -10.19
C ASN A 21 -19.32 -6.53 -10.77
N PHE A 22 -18.94 -7.80 -10.63
CA PHE A 22 -17.62 -8.27 -11.04
C PHE A 22 -17.44 -8.17 -12.55
N GLN A 23 -16.46 -7.36 -12.96
CA GLN A 23 -16.09 -7.21 -14.37
C GLN A 23 -14.93 -8.15 -14.69
N ASP A 24 -15.24 -9.27 -15.31
CA ASP A 24 -14.24 -10.30 -15.61
C ASP A 24 -13.16 -9.82 -16.59
N ASN A 25 -13.52 -8.92 -17.50
CA ASN A 25 -12.56 -8.35 -18.44
C ASN A 25 -11.54 -7.41 -17.79
N GLN A 26 -11.95 -6.70 -16.74
CA GLN A 26 -11.07 -5.78 -16.03
C GLN A 26 -10.10 -6.50 -15.08
N PHE A 27 -10.42 -7.74 -14.74
CA PHE A 27 -9.58 -8.53 -13.82
C PHE A 27 -8.42 -9.23 -14.54
N GLN A 28 -8.43 -9.20 -15.87
CA GLN A 28 -7.37 -9.84 -16.65
C GLN A 28 -6.01 -9.18 -16.45
N GLY A 29 -4.95 -9.97 -16.67
CA GLY A 29 -3.58 -9.46 -16.63
C GLY A 29 -2.78 -9.97 -15.45
N LYS A 30 -1.61 -9.37 -15.25
CA LYS A 30 -0.68 -9.83 -14.21
C LYS A 30 -1.01 -9.25 -12.84
N TRP A 31 -1.07 -10.13 -11.85
CA TRP A 31 -1.15 -9.74 -10.44
C TRP A 31 0.04 -10.32 -9.68
N TYR A 32 0.64 -9.52 -8.80
CA TYR A 32 1.66 -10.00 -7.88
C TYR A 32 0.99 -10.49 -6.60
N VAL A 33 1.49 -11.58 -6.04
CA VAL A 33 1.02 -12.10 -4.76
C VAL A 33 1.77 -11.38 -3.65
N VAL A 34 1.19 -10.29 -3.15
CA VAL A 34 1.81 -9.46 -2.13
C VAL A 34 1.53 -9.99 -0.71
N GLY A 35 0.46 -10.78 -0.56
CA GLY A 35 0.10 -11.39 0.72
C GLY A 35 -0.51 -12.78 0.55
N LEU A 36 -0.22 -13.66 1.50
CA LEU A 36 -0.75 -15.02 1.51
C LEU A 36 -1.16 -15.43 2.91
N ALA A 37 -2.39 -15.92 3.04
CA ALA A 37 -2.90 -16.41 4.32
C ALA A 37 -3.72 -17.69 4.11
N GLY A 38 -3.66 -18.61 5.07
CA GLY A 38 -4.41 -19.86 4.96
C GLY A 38 -4.03 -20.89 6.00
N ASN A 39 -4.85 -21.94 6.10
CA ASN A 39 -4.62 -23.00 7.10
C ASN A 39 -3.42 -23.90 6.79
N ALA A 40 -2.95 -23.87 5.54
CA ALA A 40 -1.74 -24.59 5.13
C ALA A 40 -0.54 -23.65 4.91
N ILE A 41 -0.75 -22.34 5.09
CA ILE A 41 0.33 -21.36 4.95
C ILE A 41 1.01 -21.13 6.29
N LEU A 42 2.30 -21.41 6.36
CA LEU A 42 3.08 -21.22 7.59
C LEU A 42 4.24 -20.26 7.33
N ARG A 43 4.39 -19.26 8.20
CA ARG A 43 5.51 -18.33 8.15
C ARG A 43 6.81 -19.05 8.50
N GLU A 44 7.87 -18.75 7.77
CA GLU A 44 9.17 -19.39 7.98
C GLU A 44 10.33 -18.41 7.75
N ASP A 45 11.02 -18.06 8.84
CA ASP A 45 12.10 -17.08 8.81
C ASP A 45 13.43 -17.68 8.34
N LYS A 46 13.51 -19.01 8.29
CA LYS A 46 14.68 -19.71 7.78
C LYS A 46 14.81 -19.52 6.27
N ASP A 47 13.68 -19.56 5.57
CA ASP A 47 13.61 -19.29 4.14
C ASP A 47 12.29 -18.62 3.79
N PRO A 48 12.20 -17.29 4.01
CA PRO A 48 10.99 -16.51 3.68
C PRO A 48 10.53 -16.72 2.24
N GLN A 49 9.21 -16.85 2.07
CA GLN A 49 8.64 -17.12 0.75
C GLN A 49 8.86 -15.95 -0.21
N LYS A 50 9.29 -16.27 -1.43
CA LYS A 50 9.50 -15.25 -2.46
C LYS A 50 8.19 -14.93 -3.16
N MET A 51 8.03 -13.67 -3.56
CA MET A 51 6.88 -13.22 -4.32
C MET A 51 6.78 -14.00 -5.64
N TYR A 52 5.56 -14.37 -6.00
CA TYR A 52 5.27 -14.95 -7.31
C TYR A 52 4.13 -14.17 -7.95
N ALA A 53 3.89 -14.45 -9.24
CA ALA A 53 2.88 -13.71 -10.00
C ALA A 53 1.89 -14.65 -10.65
N THR A 54 0.67 -14.15 -10.88
CA THR A 54 -0.39 -14.91 -11.51
C THR A 54 -1.05 -14.09 -12.60
N ILE A 55 -1.17 -14.67 -13.80
CA ILE A 55 -1.76 -14.00 -14.95
C ILE A 55 -3.14 -14.58 -15.28
N TYR A 56 -4.14 -13.71 -15.31
CA TYR A 56 -5.52 -14.09 -15.67
C TYR A 56 -5.84 -13.66 -17.10
N GLU A 57 -6.21 -14.63 -17.94
CA GLU A 57 -6.60 -14.35 -19.33
C GLU A 57 -7.98 -14.93 -19.60
N LEU A 58 -8.93 -14.08 -20.02
CA LEU A 58 -10.26 -14.56 -20.40
C LEU A 58 -10.20 -15.28 -21.74
N LYS A 59 -10.81 -16.46 -21.80
CA LYS A 59 -10.93 -17.22 -23.03
C LYS A 59 -12.22 -16.83 -23.74
N GLU A 60 -12.46 -17.40 -24.93
CA GLU A 60 -13.67 -17.14 -25.69
C GLU A 60 -14.94 -17.51 -24.93
N ASP A 61 -14.87 -18.61 -24.17
CA ASP A 61 -16.03 -19.11 -23.41
C ASP A 61 -16.16 -18.47 -22.01
N LYS A 62 -15.48 -17.34 -21.79
CA LYS A 62 -15.55 -16.58 -20.54
C LYS A 62 -14.88 -17.24 -19.31
N SER A 63 -14.15 -18.32 -19.53
CA SER A 63 -13.37 -18.96 -18.47
CA SER A 63 -13.36 -18.97 -18.47
C SER A 63 -11.95 -18.39 -18.48
N TYR A 64 -11.30 -18.39 -17.32
CA TYR A 64 -9.93 -17.89 -17.20
C TYR A 64 -8.93 -18.99 -17.45
N ASN A 65 -7.90 -18.67 -18.25
CA ASN A 65 -6.66 -19.43 -18.24
C ASN A 65 -5.77 -18.75 -17.21
N VAL A 66 -5.43 -19.47 -16.14
CA VAL A 66 -4.69 -18.88 -15.02
C VAL A 66 -3.29 -19.46 -14.95
N THR A 67 -2.30 -18.65 -15.34
CA THR A 67 -0.90 -19.06 -15.36
C THR A 67 -0.13 -18.35 -14.26
N SER A 68 0.58 -19.11 -13.43
CA SER A 68 1.42 -18.57 -12.38
C SER A 68 2.87 -18.93 -12.61
N VAL A 69 3.77 -18.05 -12.18
CA VAL A 69 5.21 -18.30 -12.30
C VAL A 69 5.92 -17.94 -11.00
N LEU A 70 6.82 -18.81 -10.55
CA LEU A 70 7.61 -18.58 -9.35
C LEU A 70 9.08 -18.90 -9.60
N PHE A 71 9.95 -18.24 -8.83
CA PHE A 71 11.40 -18.43 -8.93
C PHE A 71 11.85 -19.49 -7.90
N ARG A 72 12.26 -20.65 -8.41
CA ARG A 72 12.66 -21.78 -7.58
C ARG A 72 13.84 -22.53 -8.22
N LYS A 73 14.86 -22.83 -7.41
CA LYS A 73 16.03 -23.58 -7.86
C LYS A 73 16.69 -22.91 -9.07
N LYS A 74 16.82 -21.59 -9.00
CA LYS A 74 17.43 -20.77 -10.07
C LYS A 74 16.66 -20.76 -11.40
N LYS A 75 15.44 -21.30 -11.41
CA LYS A 75 14.63 -21.37 -12.63
C LYS A 75 13.20 -20.88 -12.39
N CYS A 76 12.52 -20.54 -13.48
CA CYS A 76 11.13 -20.12 -13.43
C CYS A 76 10.22 -21.33 -13.62
N ASP A 77 9.37 -21.57 -12.63
CA ASP A 77 8.42 -22.69 -12.66
C ASP A 77 7.03 -22.16 -12.98
N TYR A 78 6.46 -22.62 -14.08
CA TYR A 78 5.12 -22.21 -14.51
C TYR A 78 4.10 -23.30 -14.16
N TRP A 79 2.91 -22.90 -13.77
CA TRP A 79 1.79 -23.84 -13.64
C TRP A 79 0.46 -23.21 -14.02
N ILE A 80 -0.36 -23.99 -14.71
CA ILE A 80 -1.57 -23.51 -15.37
C ILE A 80 -2.80 -24.17 -14.79
N ARG A 81 -3.88 -23.41 -14.68
CA ARG A 81 -5.18 -23.96 -14.31
C ARG A 81 -6.30 -23.14 -14.95
N THR A 82 -7.48 -23.75 -15.05
CA THR A 82 -8.64 -23.11 -15.66
C THR A 82 -9.69 -22.83 -14.60
N PHE A 83 -10.11 -21.57 -14.48
CA PHE A 83 -11.21 -21.20 -13.59
C PHE A 83 -12.49 -21.08 -14.42
N VAL A 84 -13.44 -21.98 -14.16
CA VAL A 84 -14.72 -21.97 -14.87
C VAL A 84 -15.73 -21.14 -14.07
N PRO A 85 -16.48 -20.24 -14.75
CA PRO A 85 -17.46 -19.40 -14.06
C PRO A 85 -18.45 -20.22 -13.23
N GLY A 86 -18.64 -19.80 -11.97
CA GLY A 86 -19.49 -20.52 -11.03
C GLY A 86 -20.91 -20.01 -11.01
N SER A 87 -21.52 -20.01 -9.82
CA SER A 87 -22.93 -19.66 -9.67
C SER A 87 -23.20 -18.18 -9.91
N GLN A 88 -22.29 -17.32 -9.44
CA GLN A 88 -22.44 -15.87 -9.58
C GLN A 88 -21.12 -15.23 -10.00
N PRO A 89 -21.19 -14.04 -10.66
CA PRO A 89 -19.99 -13.39 -11.17
C PRO A 89 -18.95 -13.10 -10.09
N GLY A 90 -17.69 -13.44 -10.37
CA GLY A 90 -16.60 -13.33 -9.39
C GLY A 90 -16.37 -14.62 -8.60
N GLU A 91 -17.08 -15.67 -8.97
CA GLU A 91 -16.93 -16.98 -8.33
C GLU A 91 -16.62 -18.02 -9.39
N PHE A 92 -15.70 -18.94 -9.07
CA PHE A 92 -15.24 -19.92 -10.05
C PHE A 92 -14.97 -21.29 -9.43
N THR A 93 -14.98 -22.31 -10.29
CA THR A 93 -14.54 -23.66 -9.93
C THR A 93 -13.42 -24.08 -10.86
N LEU A 94 -12.68 -25.12 -10.47
CA LEU A 94 -11.55 -25.60 -11.24
C LEU A 94 -12.01 -26.48 -12.39
N GLY A 95 -11.53 -26.18 -13.60
CA GLY A 95 -11.82 -27.00 -14.77
C GLY A 95 -10.94 -28.23 -14.81
N ASN A 96 -11.49 -29.33 -15.32
CA ASN A 96 -10.76 -30.60 -15.44
C ASN A 96 -10.21 -31.08 -14.09
N ILE A 97 -11.09 -31.17 -13.10
CA ILE A 97 -10.72 -31.57 -11.74
C ILE A 97 -10.17 -32.99 -11.67
N LYS A 98 -10.57 -33.83 -12.62
CA LYS A 98 -10.10 -35.22 -12.71
C LYS A 98 -8.59 -35.34 -13.00
N SER A 99 -8.01 -34.30 -13.61
CA SER A 99 -6.58 -34.29 -13.91
C SER A 99 -5.70 -34.03 -12.69
N TYR A 100 -6.32 -33.72 -11.55
CA TYR A 100 -5.59 -33.48 -10.30
C TYR A 100 -5.84 -34.63 -9.31
N PRO A 101 -4.82 -35.49 -9.09
CA PRO A 101 -4.99 -36.60 -8.15
C PRO A 101 -5.28 -36.15 -6.72
N GLY A 102 -6.31 -36.72 -6.11
CA GLY A 102 -6.68 -36.41 -4.73
C GLY A 102 -7.70 -35.30 -4.58
N LEU A 103 -7.94 -34.55 -5.66
CA LEU A 103 -8.76 -33.34 -5.62
C LEU A 103 -10.23 -33.65 -5.90
N THR A 104 -11.08 -33.41 -4.92
CA THR A 104 -12.53 -33.62 -5.07
C THR A 104 -13.33 -32.31 -5.12
N SER A 105 -12.69 -31.19 -4.80
CA SER A 105 -13.38 -29.90 -4.71
C SER A 105 -12.38 -28.73 -4.80
N TYR A 106 -12.78 -27.66 -5.49
CA TYR A 106 -11.94 -26.48 -5.65
C TYR A 106 -12.81 -25.25 -6.01
N LEU A 107 -12.82 -24.27 -5.11
CA LEU A 107 -13.67 -23.09 -5.26
C LEU A 107 -12.86 -21.81 -5.16
N VAL A 108 -13.18 -20.84 -6.03
CA VAL A 108 -12.53 -19.54 -6.04
C VAL A 108 -13.58 -18.43 -5.88
N ARG A 109 -13.32 -17.46 -5.02
CA ARG A 109 -14.19 -16.30 -4.89
C ARG A 109 -13.41 -15.00 -4.72
N VAL A 110 -13.61 -14.06 -5.66
CA VAL A 110 -13.01 -12.74 -5.58
C VAL A 110 -13.76 -11.92 -4.54
N VAL A 111 -13.09 -11.62 -3.43
CA VAL A 111 -13.73 -10.92 -2.30
C VAL A 111 -13.87 -9.43 -2.58
N SER A 112 -12.79 -8.81 -3.08
CA SER A 112 -12.81 -7.40 -3.44
C SER A 112 -11.67 -7.07 -4.40
N THR A 113 -11.88 -6.02 -5.19
CA THR A 113 -10.84 -5.50 -6.08
C THR A 113 -11.24 -4.14 -6.64
N ASN A 114 -10.23 -3.32 -6.96
CA ASN A 114 -10.44 -2.11 -7.77
C ASN A 114 -9.87 -2.26 -9.19
N TYR A 115 -9.45 -3.49 -9.52
CA TYR A 115 -9.01 -3.87 -10.88
C TYR A 115 -7.68 -3.26 -11.37
N ASN A 116 -7.25 -2.14 -10.79
CA ASN A 116 -6.04 -1.46 -11.27
C ASN A 116 -4.91 -1.33 -10.23
N GLN A 117 -5.18 -1.71 -8.98
CA GLN A 117 -4.16 -1.67 -7.93
C GLN A 117 -4.16 -2.93 -7.06
N HIS A 118 -5.31 -3.31 -6.53
CA HIS A 118 -5.38 -4.40 -5.56
C HIS A 118 -6.58 -5.34 -5.73
N ALA A 119 -6.48 -6.51 -5.12
CA ALA A 119 -7.54 -7.50 -5.11
C ALA A 119 -7.33 -8.52 -3.99
N MET A 120 -8.42 -9.07 -3.46
CA MET A 120 -8.38 -10.17 -2.51
C MET A 120 -9.24 -11.32 -3.04
N VAL A 121 -8.64 -12.52 -3.08
CA VAL A 121 -9.31 -13.70 -3.62
C VAL A 121 -9.27 -14.85 -2.62
N PHE A 122 -10.44 -15.45 -2.39
CA PHE A 122 -10.59 -16.58 -1.48
C PHE A 122 -10.57 -17.89 -2.28
N PHE A 123 -9.76 -18.84 -1.83
CA PHE A 123 -9.71 -20.17 -2.44
C PHE A 123 -10.08 -21.21 -1.40
N LYS A 124 -10.82 -22.22 -1.84
CA LYS A 124 -11.24 -23.33 -0.98
C LYS A 124 -11.13 -24.63 -1.76
N LYS A 125 -10.44 -25.62 -1.20
CA LYS A 125 -10.29 -26.92 -1.86
C LYS A 125 -10.36 -28.07 -0.86
N VAL A 126 -10.77 -29.25 -1.36
CA VAL A 126 -10.65 -30.49 -0.61
C VAL A 126 -9.71 -31.43 -1.36
N SER A 127 -8.55 -31.72 -0.76
CA SER A 127 -7.54 -32.58 -1.37
C SER A 127 -7.15 -33.68 -0.37
N GLN A 128 -7.23 -34.94 -0.81
CA GLN A 128 -7.02 -36.10 0.07
C GLN A 128 -7.95 -36.04 1.30
N ASN A 129 -9.21 -35.68 1.07
CA ASN A 129 -10.22 -35.53 2.13
C ASN A 129 -9.91 -34.47 3.19
N ARG A 130 -8.92 -33.63 2.94
CA ARG A 130 -8.56 -32.55 3.86
C ARG A 130 -8.99 -31.22 3.25
N GLU A 131 -9.64 -30.38 4.05
CA GLU A 131 -10.18 -29.12 3.56
C GLU A 131 -9.21 -27.96 3.78
N TYR A 132 -8.71 -27.41 2.68
CA TYR A 132 -7.78 -26.28 2.73
C TYR A 132 -8.48 -25.01 2.26
N PHE A 133 -8.10 -23.88 2.85
CA PHE A 133 -8.50 -22.58 2.34
C PHE A 133 -7.33 -21.59 2.41
N LYS A 134 -7.35 -20.61 1.52
CA LYS A 134 -6.38 -19.53 1.56
C LYS A 134 -6.95 -18.23 1.01
N ILE A 135 -6.35 -17.13 1.44
CA ILE A 135 -6.65 -15.82 0.88
C ILE A 135 -5.36 -15.23 0.31
N THR A 136 -5.43 -14.74 -0.92
CA THR A 136 -4.30 -14.10 -1.58
CA THR A 136 -4.29 -14.10 -1.57
C THR A 136 -4.54 -12.61 -1.67
N LEU A 137 -3.55 -11.81 -1.28
CA LEU A 137 -3.61 -10.37 -1.45
C LEU A 137 -2.91 -10.12 -2.77
N TYR A 138 -3.69 -9.73 -3.78
CA TYR A 138 -3.12 -9.44 -5.10
C TYR A 138 -2.76 -7.96 -5.21
N GLY A 139 -1.60 -7.70 -5.84
CA GLY A 139 -1.15 -6.35 -6.10
C GLY A 139 -0.82 -6.16 -7.57
N ARG A 140 -1.21 -5.02 -8.11
CA ARG A 140 -0.89 -4.71 -9.49
C ARG A 140 0.59 -4.34 -9.62
N THR A 141 1.12 -3.73 -8.57
CA THR A 141 2.55 -3.55 -8.37
C THR A 141 3.04 -4.45 -7.24
N LYS A 142 4.35 -4.52 -7.04
CA LYS A 142 4.95 -5.40 -6.03
C LYS A 142 4.76 -4.89 -4.60
N GLU A 143 4.49 -3.60 -4.45
CA GLU A 143 4.27 -2.98 -3.14
C GLU A 143 2.84 -2.47 -3.03
N LEU A 144 2.23 -2.66 -1.86
CA LEU A 144 0.93 -2.06 -1.55
C LEU A 144 1.03 -1.29 -0.25
N THR A 145 0.03 -0.44 0.00
CA THR A 145 0.01 0.41 1.18
C THR A 145 -0.15 -0.39 2.47
N SER A 146 0.15 0.24 3.59
CA SER A 146 -0.05 -0.38 4.91
C SER A 146 -1.53 -0.53 5.24
N GLU A 147 -2.36 0.35 4.68
CA GLU A 147 -3.80 0.28 4.86
C GLU A 147 -4.40 -0.96 4.21
N LEU A 148 -3.97 -1.25 2.98
CA LEU A 148 -4.46 -2.43 2.25
C LEU A 148 -3.96 -3.74 2.87
N LYS A 149 -2.72 -3.74 3.34
CA LYS A 149 -2.14 -4.91 3.99
C LYS A 149 -2.76 -5.20 5.35
N GLU A 150 -3.08 -4.16 6.11
CA GLU A 150 -3.76 -4.32 7.39
C GLU A 150 -5.20 -4.79 7.23
N ASN A 151 -5.85 -4.36 6.15
CA ASN A 151 -7.18 -4.84 5.78
C ASN A 151 -7.16 -6.34 5.44
N PHE A 152 -6.09 -6.77 4.77
CA PHE A 152 -5.88 -8.18 4.45
C PHE A 152 -5.69 -9.02 5.72
N ILE A 153 -4.90 -8.51 6.65
CA ILE A 153 -4.67 -9.15 7.94
C ILE A 153 -5.97 -9.23 8.75
N ARG A 154 -6.77 -8.16 8.71
CA ARG A 154 -8.05 -8.11 9.41
C ARG A 154 -9.01 -9.17 8.88
N PHE A 155 -9.14 -9.24 7.55
CA PHE A 155 -10.02 -10.20 6.90
C PHE A 155 -9.56 -11.64 7.15
N SER A 156 -8.25 -11.87 7.12
CA SER A 156 -7.69 -13.19 7.36
C SER A 156 -7.98 -13.68 8.77
N LYS A 157 -7.80 -12.79 9.75
CA LYS A 157 -8.09 -13.11 11.15
C LYS A 157 -9.59 -13.34 11.40
N SER A 158 -10.44 -12.69 10.62
CA SER A 158 -11.89 -12.87 10.74
C SER A 158 -12.33 -14.26 10.29
N LEU A 159 -11.51 -14.92 9.47
CA LEU A 159 -11.79 -16.27 9.00
C LEU A 159 -11.11 -17.34 9.87
N GLY A 160 -10.47 -16.91 10.97
CA GLY A 160 -9.94 -17.83 11.97
C GLY A 160 -8.43 -18.07 11.91
N LEU A 161 -7.73 -17.29 11.09
CA LEU A 161 -6.28 -17.47 10.92
C LEU A 161 -5.50 -16.59 11.90
N PRO A 162 -4.50 -17.16 12.58
CA PRO A 162 -3.58 -16.35 13.38
C PRO A 162 -2.47 -15.72 12.55
N GLU A 163 -1.67 -14.85 13.17
CA GLU A 163 -0.64 -14.08 12.48
C GLU A 163 0.39 -14.94 11.76
N ASN A 164 0.82 -16.02 12.40
CA ASN A 164 1.83 -16.92 11.83
C ASN A 164 1.33 -17.74 10.64
N HIS A 165 0.03 -17.65 10.35
CA HIS A 165 -0.54 -18.21 9.13
C HIS A 165 -0.80 -17.14 8.07
N ILE A 166 -0.20 -15.96 8.26
CA ILE A 166 -0.31 -14.84 7.32
C ILE A 166 1.09 -14.38 6.95
N VAL A 167 1.42 -14.45 5.66
CA VAL A 167 2.75 -14.08 5.18
C VAL A 167 2.69 -13.03 4.07
N PHE A 168 3.73 -12.22 3.97
CA PHE A 168 3.88 -11.24 2.91
C PHE A 168 5.16 -11.55 2.15
N PRO A 169 5.05 -12.29 1.02
CA PRO A 169 6.21 -12.67 0.22
C PRO A 169 7.12 -11.51 -0.16
N VAL A 170 8.43 -11.76 -0.13
CA VAL A 170 9.43 -10.73 -0.43
C VAL A 170 9.51 -10.48 -1.94
N PRO A 171 9.38 -9.21 -2.36
CA PRO A 171 9.52 -8.86 -3.78
C PRO A 171 10.81 -9.35 -4.41
N ILE A 172 10.72 -9.88 -5.63
CA ILE A 172 11.90 -10.27 -6.42
C ILE A 172 11.77 -9.72 -7.84
N ASP A 173 12.85 -9.82 -8.61
CA ASP A 173 12.85 -9.41 -10.02
C ASP A 173 12.81 -10.58 -10.99
N GLN A 174 13.32 -11.74 -10.57
CA GLN A 174 13.37 -12.92 -11.44
C GLN A 174 11.97 -13.45 -11.75
N CYS A 175 11.76 -13.83 -13.01
CA CYS A 175 10.54 -14.53 -13.50
C CYS A 175 9.27 -13.70 -13.56
N ILE A 176 9.05 -12.82 -12.60
CA ILE A 176 7.76 -12.12 -12.44
C ILE A 176 7.68 -10.74 -13.10
N ASP A 177 8.78 -10.29 -13.71
CA ASP A 177 8.80 -8.99 -14.41
C ASP A 177 8.50 -9.10 -15.91
N GLY A 178 8.18 -10.30 -16.39
CA GLY A 178 7.91 -10.52 -17.82
C GLY A 178 6.64 -9.84 -18.30
N ASP B 6 13.63 -18.16 30.39
CA ASP B 6 14.22 -17.33 29.29
C ASP B 6 13.23 -16.24 28.87
N LEU B 7 13.75 -15.05 28.62
CA LEU B 7 12.93 -13.90 28.22
C LEU B 7 13.31 -13.42 26.82
N ILE B 8 12.36 -12.80 26.13
CA ILE B 8 12.60 -12.19 24.82
C ILE B 8 13.45 -10.94 25.00
N PRO B 9 14.50 -10.77 24.17
CA PRO B 9 15.42 -9.64 24.36
C PRO B 9 14.74 -8.27 24.19
N ALA B 10 15.19 -7.29 24.99
CA ALA B 10 14.70 -5.93 24.88
C ALA B 10 15.16 -5.33 23.55
N PRO B 11 14.21 -4.88 22.70
CA PRO B 11 14.58 -4.29 21.40
C PRO B 11 15.50 -3.07 21.51
N PRO B 12 16.18 -2.72 20.40
CA PRO B 12 17.04 -1.53 20.38
C PRO B 12 16.31 -0.24 20.74
N LEU B 13 17.05 0.70 21.32
CA LEU B 13 16.49 2.00 21.72
C LEU B 13 15.94 2.80 20.54
N SER B 14 16.57 2.63 19.37
CA SER B 14 16.15 3.32 18.14
C SER B 14 14.86 2.73 17.55
N LYS B 15 14.56 1.48 17.90
CA LYS B 15 13.37 0.79 17.39
C LYS B 15 12.06 1.37 17.94
N VAL B 16 12.06 1.71 19.23
CA VAL B 16 10.88 2.30 19.88
C VAL B 16 10.74 3.78 19.51
N PRO B 17 9.66 4.15 18.80
CA PRO B 17 9.52 5.54 18.35
C PRO B 17 9.13 6.50 19.47
N LEU B 18 9.78 7.66 19.52
CA LEU B 18 9.44 8.72 20.47
C LEU B 18 8.40 9.64 19.84
N GLN B 19 7.39 10.01 20.63
CA GLN B 19 6.29 10.85 20.14
C GLN B 19 6.66 12.34 20.22
N GLN B 20 6.26 13.09 19.18
CA GLN B 20 6.44 14.53 19.17
C GLN B 20 5.39 15.21 20.03
N ASN B 21 5.60 16.48 20.34
CA ASN B 21 4.71 17.25 21.22
C ASN B 21 4.71 16.68 22.64
N PHE B 22 5.76 17.00 23.39
CA PHE B 22 5.94 16.48 24.75
C PHE B 22 4.93 17.09 25.73
N GLN B 23 4.54 18.33 25.48
CA GLN B 23 3.61 19.07 26.34
CA GLN B 23 3.61 19.04 26.36
C GLN B 23 2.18 18.56 26.13
N ASP B 24 1.49 18.04 27.15
CA ASP B 24 1.97 17.77 28.52
C ASP B 24 0.91 16.94 29.24
N ASN B 25 -0.29 17.51 29.34
CA ASN B 25 -1.42 16.88 30.00
C ASN B 25 -2.13 15.88 29.09
N GLN B 28 -0.86 14.40 32.35
CA GLN B 28 -2.19 14.04 32.82
C GLN B 28 -2.77 12.93 31.94
N GLY B 29 -3.80 12.22 32.41
CA GLY B 29 -4.44 12.42 33.72
C GLY B 29 -4.84 11.09 34.34
N LYS B 30 -5.94 10.52 33.85
CA LYS B 30 -6.41 9.22 34.32
C LYS B 30 -6.58 8.26 33.13
N TRP B 31 -5.78 7.21 33.11
CA TRP B 31 -5.81 6.21 32.03
C TRP B 31 -6.17 4.84 32.58
N TYR B 32 -6.45 3.90 31.68
CA TYR B 32 -6.79 2.52 32.03
C TYR B 32 -6.11 1.55 31.07
N VAL B 33 -5.54 0.47 31.62
CA VAL B 33 -4.85 -0.53 30.81
C VAL B 33 -5.83 -1.42 30.05
N VAL B 34 -6.20 -0.99 28.85
CA VAL B 34 -7.08 -1.75 27.97
C VAL B 34 -6.35 -2.95 27.35
N GLY B 35 -5.04 -2.82 27.20
CA GLY B 35 -4.19 -3.91 26.70
C GLY B 35 -2.83 -3.88 27.35
N LEU B 36 -2.11 -5.00 27.27
CA LEU B 36 -0.77 -5.11 27.87
C LEU B 36 0.06 -6.17 27.15
N ALA B 37 1.24 -5.78 26.68
CA ALA B 37 2.18 -6.68 26.03
C ALA B 37 3.54 -6.61 26.70
N GLY B 38 4.27 -7.72 26.70
CA GLY B 38 5.58 -7.78 27.31
C GLY B 38 6.13 -9.20 27.41
N ASN B 39 7.45 -9.31 27.50
CA ASN B 39 8.12 -10.60 27.63
C ASN B 39 7.91 -11.28 28.99
N ALA B 40 7.51 -10.50 29.99
CA ALA B 40 7.11 -11.03 31.29
C ALA B 40 5.62 -10.81 31.51
N ILE B 41 4.83 -11.03 30.45
CA ILE B 41 3.39 -10.80 30.49
C ILE B 41 2.64 -11.84 29.66
N LEU B 42 2.72 -13.09 30.09
CA LEU B 42 2.05 -14.20 29.41
C LEU B 42 0.56 -14.21 29.72
N GLN B 49 -6.24 -11.15 33.34
CA GLN B 49 -5.85 -9.92 34.03
C GLN B 49 -6.98 -8.89 34.05
N LYS B 50 -6.81 -7.86 34.87
CA LYS B 50 -7.81 -6.81 35.05
C LYS B 50 -7.17 -5.43 34.89
N MET B 51 -8.01 -4.39 34.93
CA MET B 51 -7.56 -3.00 34.88
C MET B 51 -8.04 -2.27 36.14
N TYR B 52 -7.20 -1.49 36.85
CA TYR B 52 -5.77 -1.20 36.58
C TYR B 52 -5.53 -0.35 35.32
N ALA B 53 -5.40 0.98 35.45
CA ALA B 53 -5.48 1.70 36.74
C ALA B 53 -6.15 3.07 36.57
N THR B 54 -5.43 4.18 36.35
CA THR B 54 -3.97 4.31 36.29
C THR B 54 -3.63 5.80 36.10
N ILE B 55 -3.45 6.51 37.21
CA ILE B 55 -3.47 7.97 37.23
C ILE B 55 -2.08 8.64 37.17
N TYR B 56 -1.98 9.70 36.37
CA TYR B 56 -0.79 10.56 36.31
C TYR B 56 -1.17 11.96 36.82
N GLU B 57 -0.28 12.58 37.59
CA GLU B 57 -0.56 13.89 38.19
C GLU B 57 0.68 14.79 38.25
N LEU B 58 0.74 15.76 37.33
CA LEU B 58 1.85 16.71 37.27
C LEU B 58 2.04 17.42 38.61
N LYS B 59 3.26 17.35 39.14
CA LYS B 59 3.56 17.85 40.49
C LYS B 59 4.29 19.20 40.47
N GLU B 60 3.95 20.05 39.50
CA GLU B 60 4.51 21.41 39.38
C GLU B 60 5.92 21.43 38.79
N ASP B 61 6.84 20.67 39.39
CA ASP B 61 8.24 20.65 38.96
C ASP B 61 8.53 19.56 37.89
N LYS B 62 7.61 19.40 36.96
CA LYS B 62 7.74 18.41 35.87
C LYS B 62 7.88 16.98 36.39
N TYR B 64 5.73 13.23 37.24
CA TYR B 64 4.36 12.85 36.94
C TYR B 64 3.60 12.29 38.15
N ASN B 65 4.33 11.87 39.19
CA ASN B 65 3.71 11.34 40.41
C ASN B 65 2.59 10.35 40.10
N VAL B 66 2.98 9.20 39.55
CA VAL B 66 2.02 8.19 39.08
C VAL B 66 1.39 7.42 40.25
N THR B 67 0.09 7.15 40.14
CA THR B 67 -0.64 6.35 41.11
C THR B 67 -1.56 5.37 40.41
N SER B 68 -1.35 4.08 40.64
CA SER B 68 -2.15 3.02 40.03
C SER B 68 -2.90 2.24 41.10
N VAL B 69 -4.15 1.84 40.80
CA VAL B 69 -4.98 1.06 41.70
C VAL B 69 -5.57 -0.16 41.02
N LEU B 70 -5.50 -1.31 41.69
CA LEU B 70 -6.07 -2.56 41.18
C LEU B 70 -6.96 -3.23 42.22
N PHE B 71 -7.83 -4.13 41.77
CA PHE B 71 -8.76 -4.84 42.65
C PHE B 71 -8.26 -6.25 42.96
N ARG B 72 -7.59 -6.40 44.10
CA ARG B 72 -7.08 -7.69 44.56
C ARG B 72 -7.59 -8.00 45.97
N LYS B 73 -8.37 -9.06 46.09
CA LYS B 73 -8.97 -9.47 47.37
C LYS B 73 -9.90 -8.40 47.94
N CYS B 76 -8.92 -2.59 47.35
CA CYS B 76 -8.11 -1.79 46.43
C CYS B 76 -6.65 -1.74 46.88
N ASP B 77 -5.74 -2.11 45.97
CA ASP B 77 -4.30 -2.09 46.24
C ASP B 77 -3.63 -0.97 45.45
N TYR B 78 -3.12 0.03 46.17
CA TYR B 78 -2.46 1.19 45.56
C TYR B 78 -0.95 1.04 45.60
N TRP B 79 -0.28 1.52 44.54
CA TRP B 79 1.17 1.67 44.54
C TRP B 79 1.57 2.91 43.73
N ILE B 80 2.42 3.75 44.33
CA ILE B 80 2.76 5.05 43.76
C ILE B 80 4.20 5.10 43.24
N ARG B 81 4.36 5.61 42.02
CA ARG B 81 5.67 5.81 41.42
C ARG B 81 5.89 7.29 41.09
N THR B 82 7.15 7.69 40.98
CA THR B 82 7.51 9.06 40.60
C THR B 82 8.31 9.04 39.31
N PHE B 83 7.63 9.27 38.19
CA PHE B 83 8.25 9.24 36.86
C PHE B 83 9.10 10.48 36.64
N PRO B 89 12.73 15.12 27.29
CA PRO B 89 11.53 15.93 27.50
C PRO B 89 10.56 15.87 26.32
N GLY B 90 9.74 14.81 26.23
CA GLY B 90 9.74 13.69 27.16
C GLY B 90 10.72 12.61 26.71
N GLU B 91 10.95 11.59 27.54
CA GLU B 91 10.31 11.43 28.86
C GLU B 91 11.22 10.61 29.77
N PHE B 92 11.66 11.23 30.87
CA PHE B 92 12.75 10.69 31.70
C PHE B 92 12.33 9.49 32.56
N THR B 93 13.29 8.99 33.36
CA THR B 93 13.18 7.67 34.00
C THR B 93 12.27 7.62 35.24
N LEU B 94 12.88 7.48 36.42
CA LEU B 94 12.12 7.19 37.65
C LEU B 94 12.89 7.66 38.88
N GLY B 95 12.17 8.23 39.84
CA GLY B 95 12.77 8.81 41.04
C GLY B 95 13.01 7.81 42.15
N ASN B 96 14.12 7.98 42.85
CA ASN B 96 14.50 7.14 43.99
C ASN B 96 14.59 5.66 43.61
N ILE B 97 15.57 5.34 42.76
CA ILE B 97 15.78 3.98 42.28
C ILE B 97 16.36 3.05 43.35
N LYS B 98 17.17 3.61 44.25
CA LYS B 98 17.83 2.84 45.30
C LYS B 98 16.84 2.25 46.32
N SER B 99 15.70 2.92 46.50
CA SER B 99 14.67 2.45 47.44
C SER B 99 14.06 1.11 47.02
N TYR B 100 13.94 0.90 45.71
CA TYR B 100 13.39 -0.34 45.17
C TYR B 100 14.42 -1.47 45.26
N PRO B 101 14.11 -2.55 46.01
CA PRO B 101 15.05 -3.67 46.17
C PRO B 101 15.53 -4.31 44.87
N GLY B 102 14.73 -4.21 43.81
CA GLY B 102 15.12 -4.70 42.49
C GLY B 102 16.36 -4.00 41.96
N LEU B 103 16.16 -2.83 41.36
CA LEU B 103 17.26 -2.01 40.81
C LEU B 103 17.90 -2.68 39.58
N THR B 104 18.60 -1.92 38.73
CA THR B 104 18.92 -0.50 38.92
C THR B 104 18.21 0.42 37.93
N SER B 105 18.19 0.02 36.66
CA SER B 105 17.64 0.88 35.59
C SER B 105 16.14 0.71 35.39
N TYR B 106 15.50 1.80 34.97
CA TYR B 106 14.07 1.81 34.67
C TYR B 106 13.79 2.92 33.65
N LEU B 107 13.20 2.56 32.51
CA LEU B 107 12.97 3.50 31.42
C LEU B 107 11.54 3.45 30.88
N VAL B 108 11.01 4.61 30.50
CA VAL B 108 9.66 4.71 29.95
C VAL B 108 9.66 5.52 28.66
N ARG B 109 8.80 5.14 27.71
CA ARG B 109 8.70 5.81 26.41
C ARG B 109 7.28 5.74 25.87
N VAL B 110 6.88 6.78 25.14
CA VAL B 110 5.54 6.88 24.56
C VAL B 110 5.60 6.71 23.04
N VAL B 111 4.90 5.72 22.52
CA VAL B 111 4.90 5.41 21.09
C VAL B 111 4.04 6.42 20.31
N SER B 112 2.75 6.46 20.62
CA SER B 112 1.82 7.36 19.95
C SER B 112 0.52 7.48 20.75
N THR B 113 0.11 8.72 21.01
CA THR B 113 -1.08 8.99 21.81
C THR B 113 -1.87 10.17 21.25
N ASN B 114 -3.12 9.92 20.87
CA ASN B 114 -4.03 10.98 20.41
C ASN B 114 -4.56 11.86 21.55
N TYR B 115 -4.41 11.39 22.79
CA TYR B 115 -4.82 12.13 23.98
C TYR B 115 -6.34 12.19 24.12
N ASN B 116 -7.01 11.07 23.83
CA ASN B 116 -8.46 10.99 23.90
C ASN B 116 -8.96 9.55 23.83
N ALA B 119 -1.23 6.16 23.47
CA ALA B 119 -0.28 5.21 24.01
C ALA B 119 -0.99 3.92 24.43
N MET B 120 -0.38 2.74 24.29
CA MET B 120 0.96 2.49 23.73
C MET B 120 2.12 3.29 24.36
N VAL B 121 2.38 2.97 25.64
CA VAL B 121 3.53 3.50 26.36
C VAL B 121 4.49 2.36 26.67
N PHE B 122 5.66 2.37 26.03
CA PHE B 122 6.65 1.30 26.19
C PHE B 122 7.45 1.46 27.49
N PHE B 123 7.79 0.32 28.09
CA PHE B 123 8.55 0.27 29.34
C PHE B 123 9.74 -0.67 29.22
N LYS B 124 10.79 -0.41 30.00
CA LYS B 124 11.98 -1.26 30.00
C LYS B 124 12.81 -1.04 31.26
N LYS B 125 12.96 -2.10 32.06
CA LYS B 125 13.75 -2.05 33.29
C LYS B 125 14.62 -3.31 33.43
N VAL B 126 15.72 -3.18 34.17
CA VAL B 126 16.61 -4.30 34.47
C VAL B 126 16.61 -4.55 35.98
N SER B 127 15.97 -5.64 36.40
CA SER B 127 15.88 -5.98 37.82
C SER B 127 15.25 -7.36 38.04
N GLN B 128 15.95 -8.31 38.69
CA GLN B 128 17.32 -8.13 39.21
C GLN B 128 18.33 -8.57 38.15
N ASN B 129 18.99 -7.60 37.52
CA ASN B 129 19.94 -7.85 36.43
C ASN B 129 19.32 -8.64 35.28
N ARG B 130 18.10 -8.26 34.91
CA ARG B 130 17.40 -8.89 33.78
C ARG B 130 16.24 -8.02 33.27
N GLU B 131 16.17 -7.87 31.95
CA GLU B 131 15.09 -7.14 31.28
C GLU B 131 14.31 -8.17 30.46
N TYR B 132 12.97 -8.25 30.54
CA TYR B 132 12.01 -7.29 31.11
C TYR B 132 11.84 -5.97 30.34
N PHE B 133 10.92 -6.01 29.38
CA PHE B 133 10.38 -4.82 28.73
C PHE B 133 8.89 -5.06 28.44
N LYS B 134 8.10 -3.98 28.39
CA LYS B 134 6.65 -4.11 28.18
C LYS B 134 6.02 -2.86 27.58
N ILE B 135 4.87 -3.03 26.91
CA ILE B 135 4.12 -1.94 26.32
C ILE B 135 2.64 -2.07 26.68
N THR B 136 2.06 -1.00 27.23
CA THR B 136 0.68 -1.01 27.71
C THR B 136 -0.24 -0.15 26.84
N LEU B 137 -1.49 -0.60 26.70
CA LEU B 137 -2.51 0.13 25.94
C LEU B 137 -3.36 0.97 26.87
N TYR B 138 -3.18 2.29 26.83
CA TYR B 138 -3.87 3.22 27.73
C TYR B 138 -5.34 3.43 27.33
N GLY B 139 -6.03 4.28 28.09
CA GLY B 139 -7.46 4.53 27.91
C GLY B 139 -7.78 5.40 26.69
N ARG B 140 -8.56 6.46 26.85
CA ARG B 140 -9.12 6.93 28.13
C ARG B 140 -10.22 6.02 28.67
N THR B 141 -11.11 5.58 27.79
CA THR B 141 -12.22 4.70 28.17
C THR B 141 -11.76 3.26 28.36
N LYS B 142 -12.65 2.43 28.91
CA LYS B 142 -12.37 1.01 29.12
C LYS B 142 -12.38 0.22 27.81
N GLU B 143 -13.17 0.68 26.84
CA GLU B 143 -13.26 0.05 25.52
C GLU B 143 -12.09 0.47 24.63
N LEU B 144 -12.00 -0.16 23.46
CA LEU B 144 -10.94 0.15 22.50
C LEU B 144 -11.29 -0.37 21.10
N THR B 145 -10.72 0.28 20.08
CA THR B 145 -10.98 -0.09 18.69
C THR B 145 -10.24 -1.37 18.33
N SER B 156 2.16 -5.96 18.55
CA SER B 156 3.15 -6.58 19.41
C SER B 156 4.50 -6.69 18.71
N LYS B 157 4.50 -7.13 17.46
CA LYS B 157 5.74 -7.25 16.66
C LYS B 157 5.56 -6.71 15.24
N SER B 158 6.10 -5.53 14.91
CA SER B 158 6.75 -4.55 15.81
C SER B 158 8.06 -5.03 16.49
N LEU B 159 8.04 -5.18 17.82
CA LEU B 159 9.27 -5.36 18.60
C LEU B 159 10.09 -6.63 18.24
N GLY B 160 9.72 -7.85 18.64
CA GLY B 160 8.64 -8.19 19.58
C GLY B 160 9.08 -9.40 20.38
N LEU B 161 8.26 -9.94 21.29
CA LEU B 161 6.86 -9.57 21.55
C LEU B 161 5.92 -10.26 20.56
N PRO B 162 5.71 -11.58 20.73
CA PRO B 162 4.84 -12.36 19.84
C PRO B 162 3.34 -12.21 20.15
N GLU B 163 3.01 -11.88 21.39
CA GLU B 163 1.62 -11.77 21.85
C GLU B 163 0.96 -13.15 21.92
N ASN B 164 1.51 -14.00 22.79
CA ASN B 164 1.01 -15.35 23.00
C ASN B 164 1.26 -15.85 24.41
N PHE B 168 -5.23 -8.29 26.83
CA PHE B 168 -6.42 -7.46 26.83
C PHE B 168 -7.25 -7.65 28.11
N PRO B 169 -6.81 -7.02 29.23
CA PRO B 169 -7.50 -7.11 30.51
C PRO B 169 -8.98 -6.75 30.45
N VAL B 170 -9.81 -7.50 31.17
CA VAL B 170 -11.26 -7.30 31.16
C VAL B 170 -11.66 -6.11 32.02
N PRO B 171 -12.54 -5.21 31.50
CA PRO B 171 -13.04 -4.07 32.28
C PRO B 171 -13.74 -4.47 33.57
N ILE B 172 -13.57 -3.66 34.62
CA ILE B 172 -14.19 -3.89 35.92
C ILE B 172 -14.64 -2.56 36.55
N ASP B 173 -15.72 -2.60 37.32
CA ASP B 173 -16.21 -1.44 38.04
C ASP B 173 -15.88 -1.55 39.54
N GLN B 174 -14.61 -1.40 39.85
CA GLN B 174 -14.14 -1.48 41.24
C GLN B 174 -12.74 -0.85 41.37
N CYS B 175 -12.62 0.12 42.27
CA CYS B 175 -11.37 0.88 42.49
C CYS B 175 -11.03 1.85 41.35
N ILE B 176 -10.99 1.34 40.12
CA ILE B 176 -10.57 2.14 38.95
C ILE B 176 -11.57 3.22 38.51
N ASP B 177 -12.86 2.98 38.71
CA ASP B 177 -13.90 3.88 38.20
C ASP B 177 -13.96 5.21 38.95
N GLY B 178 -14.56 6.21 38.31
CA GLY B 178 -14.66 7.56 38.86
C GLY B 178 -13.56 8.47 38.32
N SER C 5 17.74 30.08 -27.11
CA SER C 5 18.22 28.99 -28.01
C SER C 5 18.89 27.88 -27.22
N ASP C 6 19.65 28.25 -26.19
CA ASP C 6 20.29 27.26 -25.32
C ASP C 6 19.23 26.51 -24.50
N LEU C 7 19.40 25.20 -24.35
CA LEU C 7 18.39 24.36 -23.70
C LEU C 7 18.95 23.66 -22.46
N ILE C 8 18.13 23.53 -21.43
CA ILE C 8 18.45 22.68 -20.29
C ILE C 8 18.49 21.25 -20.83
N PRO C 9 19.59 20.52 -20.57
CA PRO C 9 19.74 19.20 -21.19
C PRO C 9 18.67 18.21 -20.75
N ALA C 10 18.29 17.30 -21.65
CA ALA C 10 17.40 16.21 -21.28
C ALA C 10 18.12 15.35 -20.24
N PRO C 11 17.36 14.84 -19.24
CA PRO C 11 17.97 14.04 -18.19
C PRO C 11 18.27 12.64 -18.70
N PRO C 12 19.18 11.91 -18.02
CA PRO C 12 19.33 10.49 -18.35
C PRO C 12 18.06 9.73 -17.97
N LEU C 13 17.70 8.72 -18.76
CA LEU C 13 16.46 7.97 -18.53
C LEU C 13 16.47 7.23 -17.19
N SER C 14 17.65 7.01 -16.61
CA SER C 14 17.79 6.42 -15.28
C SER C 14 17.14 7.27 -14.18
N LYS C 15 17.02 8.58 -14.43
CA LYS C 15 16.32 9.48 -13.51
C LYS C 15 14.81 9.55 -13.74
N VAL C 16 14.33 8.88 -14.78
CA VAL C 16 12.91 8.87 -15.15
C VAL C 16 12.32 7.48 -14.91
N PRO C 17 11.58 7.29 -13.80
CA PRO C 17 10.90 6.02 -13.55
C PRO C 17 9.91 5.59 -14.64
N LEU C 18 9.61 4.29 -14.66
CA LEU C 18 8.59 3.73 -15.52
C LEU C 18 7.56 3.05 -14.61
N GLN C 19 6.29 3.37 -14.82
CA GLN C 19 5.20 2.75 -14.05
C GLN C 19 5.26 1.23 -14.16
N GLN C 20 5.27 0.57 -13.01
CA GLN C 20 5.34 -0.89 -12.94
C GLN C 20 4.04 -1.51 -13.42
N ASN C 21 4.15 -2.56 -14.24
CA ASN C 21 2.99 -3.32 -14.72
C ASN C 21 1.90 -2.41 -15.29
N PHE C 22 2.28 -1.61 -16.28
CA PHE C 22 1.39 -0.62 -16.86
C PHE C 22 0.17 -1.28 -17.52
N GLN C 23 -1.00 -0.74 -17.24
CA GLN C 23 -2.27 -1.26 -17.74
C GLN C 23 -2.85 -0.31 -18.78
N ASP C 24 -2.68 -0.65 -20.06
CA ASP C 24 -3.12 0.22 -21.14
C ASP C 24 -4.63 0.46 -21.16
N ASN C 25 -5.40 -0.55 -20.77
CA ASN C 25 -6.86 -0.42 -20.72
C ASN C 25 -7.33 0.58 -19.66
N GLN C 26 -6.68 0.57 -18.50
CA GLN C 26 -7.02 1.45 -17.40
C GLN C 26 -6.60 2.91 -17.65
N PHE C 27 -5.51 3.09 -18.39
CA PHE C 27 -4.96 4.42 -18.65
C PHE C 27 -5.75 5.21 -19.70
N GLN C 28 -6.61 4.53 -20.45
CA GLN C 28 -7.33 5.18 -21.55
C GLN C 28 -8.44 6.10 -21.02
N GLY C 29 -8.91 7.00 -21.87
CA GLY C 29 -9.91 8.00 -21.50
C GLY C 29 -9.33 9.40 -21.51
N LYS C 30 -10.04 10.33 -20.89
CA LYS C 30 -9.64 11.75 -20.89
C LYS C 30 -8.78 12.11 -19.68
N TRP C 31 -7.71 12.84 -19.94
CA TRP C 31 -6.88 13.42 -18.89
C TRP C 31 -6.77 14.93 -19.09
N TYR C 32 -6.87 15.69 -18.01
CA TYR C 32 -6.59 17.12 -18.03
C TYR C 32 -5.14 17.37 -17.65
N VAL C 33 -4.53 18.34 -18.31
CA VAL C 33 -3.16 18.73 -18.02
C VAL C 33 -3.18 19.79 -16.92
N VAL C 34 -3.04 19.33 -15.68
CA VAL C 34 -3.09 20.22 -14.51
C VAL C 34 -1.69 20.75 -14.14
N GLY C 35 -0.66 20.11 -14.68
CA GLY C 35 0.72 20.56 -14.50
C GLY C 35 1.55 20.29 -15.74
N LEU C 36 2.44 21.21 -16.08
CA LEU C 36 3.26 21.12 -17.29
C LEU C 36 4.65 21.68 -17.01
N ALA C 37 5.68 20.90 -17.31
CA ALA C 37 7.07 21.35 -17.13
C ALA C 37 7.96 20.79 -18.24
N GLY C 38 9.02 21.51 -18.58
CA GLY C 38 9.95 21.07 -19.62
C GLY C 38 10.96 22.14 -19.99
N ASN C 39 11.96 21.78 -20.79
CA ASN C 39 13.02 22.72 -21.16
C ASN C 39 12.59 23.76 -22.20
N ALA C 40 11.44 23.56 -22.84
CA ALA C 40 10.84 24.54 -23.73
C ALA C 40 9.53 25.12 -23.16
N ILE C 41 9.25 24.83 -21.89
CA ILE C 41 8.09 25.37 -21.20
C ILE C 41 8.53 26.55 -20.34
N LEU C 42 7.90 27.71 -20.56
CA LEU C 42 8.20 28.93 -19.81
C LEU C 42 6.93 29.54 -19.24
N ARG C 43 6.99 29.92 -17.97
CA ARG C 43 5.87 30.58 -17.31
C ARG C 43 5.64 31.95 -17.93
N GLU C 44 4.37 32.32 -18.12
CA GLU C 44 3.98 33.62 -18.69
C GLU C 44 2.86 34.23 -17.86
N ASP C 45 3.22 35.12 -16.94
CA ASP C 45 2.25 35.73 -16.02
C ASP C 45 1.28 36.69 -16.72
N LYS C 46 1.69 37.25 -17.85
CA LYS C 46 0.83 38.15 -18.62
C LYS C 46 -0.35 37.40 -19.25
N ASP C 47 -0.05 36.32 -19.96
CA ASP C 47 -1.08 35.46 -20.57
C ASP C 47 -0.82 34.01 -20.15
N PRO C 48 -1.30 33.62 -18.95
CA PRO C 48 -1.07 32.28 -18.39
C PRO C 48 -1.47 31.12 -19.29
N GLN C 49 -0.71 30.03 -19.21
CA GLN C 49 -1.02 28.80 -19.93
C GLN C 49 -2.42 28.31 -19.56
N LYS C 50 -3.26 28.09 -20.57
CA LYS C 50 -4.61 27.59 -20.35
C LYS C 50 -4.60 26.06 -20.30
N MET C 51 -5.47 25.50 -19.48
CA MET C 51 -5.61 24.05 -19.37
C MET C 51 -6.11 23.46 -20.69
N TYR C 52 -5.48 22.37 -21.12
CA TYR C 52 -5.94 21.59 -22.25
C TYR C 52 -6.14 20.14 -21.82
N ALA C 53 -6.80 19.35 -22.66
CA ALA C 53 -7.15 17.97 -22.35
C ALA C 53 -6.60 17.02 -23.42
N THR C 54 -6.39 15.77 -23.03
CA THR C 54 -5.86 14.74 -23.93
C THR C 54 -6.62 13.44 -23.72
N ILE C 55 -7.16 12.90 -24.82
CA ILE C 55 -7.93 11.65 -24.79
C ILE C 55 -7.10 10.50 -25.35
N TYR C 56 -6.90 9.47 -24.54
CA TYR C 56 -6.20 8.26 -24.96
C TYR C 56 -7.22 7.19 -25.31
N GLU C 57 -7.28 6.82 -26.59
CA GLU C 57 -8.22 5.81 -27.06
C GLU C 57 -7.46 4.56 -27.50
N LEU C 58 -7.67 3.47 -26.77
CA LEU C 58 -6.98 2.21 -27.04
C LEU C 58 -7.57 1.55 -28.29
N LYS C 59 -6.70 1.21 -29.24
CA LYS C 59 -7.10 0.53 -30.47
C LYS C 59 -6.91 -0.97 -30.34
N GLU C 60 -7.49 -1.73 -31.26
CA GLU C 60 -7.41 -3.19 -31.26
C GLU C 60 -5.98 -3.69 -31.44
N ASP C 61 -5.20 -2.97 -32.24
CA ASP C 61 -3.77 -3.27 -32.41
C ASP C 61 -2.90 -2.78 -31.24
N LYS C 62 -3.56 -2.29 -30.17
CA LYS C 62 -2.92 -1.91 -28.89
C LYS C 62 -2.14 -0.59 -28.92
N SER C 63 -2.17 0.12 -30.03
CA SER C 63 -1.65 1.48 -30.08
C SER C 63 -2.75 2.44 -29.61
N TYR C 64 -2.35 3.65 -29.25
CA TYR C 64 -3.30 4.69 -28.83
C TYR C 64 -3.51 5.70 -29.95
N ASN C 65 -4.78 6.05 -30.20
CA ASN C 65 -5.10 7.29 -30.89
C ASN C 65 -5.22 8.37 -29.83
N VAL C 66 -4.30 9.33 -29.86
CA VAL C 66 -4.22 10.38 -28.85
C VAL C 66 -4.72 11.68 -29.45
N THR C 67 -5.81 12.22 -28.89
CA THR C 67 -6.38 13.48 -29.36
C THR C 67 -6.34 14.50 -28.23
N SER C 68 -5.75 15.65 -28.51
CA SER C 68 -5.66 16.74 -27.54
C SER C 68 -6.46 17.95 -28.01
N VAL C 69 -7.06 18.65 -27.05
CA VAL C 69 -7.93 19.79 -27.33
C VAL C 69 -7.53 20.98 -26.47
N LEU C 70 -7.31 22.13 -27.11
CA LEU C 70 -7.02 23.39 -26.39
C LEU C 70 -7.77 24.58 -26.99
N PHE C 71 -8.07 25.55 -26.14
CA PHE C 71 -8.78 26.76 -26.54
C PHE C 71 -7.76 27.85 -26.90
N ARG C 72 -7.76 28.26 -28.17
CA ARG C 72 -6.78 29.22 -28.69
C ARG C 72 -7.38 30.05 -29.82
N LYS C 73 -7.21 31.37 -29.74
CA LYS C 73 -7.70 32.31 -30.75
C LYS C 73 -9.21 32.20 -30.94
N LYS C 74 -9.93 32.12 -29.82
CA LYS C 74 -11.39 31.96 -29.81
C LYS C 74 -11.89 30.66 -30.47
N LYS C 75 -10.99 29.69 -30.69
CA LYS C 75 -11.33 28.43 -31.34
C LYS C 75 -10.83 27.23 -30.55
N CYS C 76 -11.44 26.07 -30.81
CA CYS C 76 -10.98 24.80 -30.28
C CYS C 76 -9.99 24.18 -31.26
N ASP C 77 -8.72 24.11 -30.85
CA ASP C 77 -7.67 23.51 -31.67
C ASP C 77 -7.47 22.05 -31.26
N TYR C 78 -7.63 21.15 -32.23
CA TYR C 78 -7.46 19.72 -32.02
C TYR C 78 -6.18 19.25 -32.69
N TRP C 79 -5.51 18.27 -32.10
CA TRP C 79 -4.40 17.59 -32.76
C TRP C 79 -4.28 16.13 -32.35
N ILE C 80 -3.93 15.29 -33.31
CA ILE C 80 -3.98 13.83 -33.15
C ILE C 80 -2.60 13.22 -33.32
N ARG C 81 -2.27 12.29 -32.42
CA ARG C 81 -1.03 11.51 -32.49
C ARG C 81 -1.39 10.03 -32.42
N THR C 82 -0.54 9.19 -33.00
CA THR C 82 -0.60 7.75 -32.76
C THR C 82 0.59 7.36 -31.90
N PHE C 83 0.30 6.80 -30.72
CA PHE C 83 1.34 6.29 -29.81
C PHE C 83 1.40 4.78 -29.97
N VAL C 84 2.55 4.29 -30.47
CA VAL C 84 2.77 2.87 -30.68
C VAL C 84 3.54 2.31 -29.48
N PRO C 85 3.12 1.14 -28.96
CA PRO C 85 3.81 0.52 -27.82
C PRO C 85 5.32 0.42 -28.02
N GLY C 86 6.08 0.93 -27.05
CA GLY C 86 7.53 0.97 -27.15
C GLY C 86 8.21 -0.29 -26.63
N SER C 87 9.44 -0.13 -26.14
CA SER C 87 10.26 -1.27 -25.73
C SER C 87 9.76 -1.95 -24.46
N GLN C 88 9.17 -1.16 -23.56
CA GLN C 88 8.58 -1.68 -22.32
C GLN C 88 7.14 -1.18 -22.17
N PRO C 89 6.28 -1.95 -21.48
CA PRO C 89 4.93 -1.48 -21.19
C PRO C 89 4.94 -0.14 -20.44
N GLY C 90 4.23 0.85 -20.98
CA GLY C 90 4.23 2.20 -20.44
C GLY C 90 5.05 3.19 -21.25
N GLU C 91 5.82 2.68 -22.21
CA GLU C 91 6.56 3.52 -23.15
C GLU C 91 5.92 3.48 -24.53
N PHE C 92 6.05 4.57 -25.27
CA PHE C 92 5.49 4.66 -26.61
C PHE C 92 6.39 5.43 -27.56
N THR C 93 6.36 5.02 -28.83
CA THR C 93 6.97 5.75 -29.94
C THR C 93 5.84 6.39 -30.76
N LEU C 94 6.21 7.29 -31.66
CA LEU C 94 5.24 8.00 -32.49
C LEU C 94 5.00 7.27 -33.81
N GLY C 95 3.74 7.08 -34.16
CA GLY C 95 3.37 6.50 -35.45
C GLY C 95 3.57 7.51 -36.56
N ASN C 96 3.99 7.03 -37.72
CA ASN C 96 4.22 7.86 -38.91
C ASN C 96 5.07 9.09 -38.61
N ILE C 97 6.24 8.86 -38.02
CA ILE C 97 7.13 9.96 -37.62
C ILE C 97 7.66 10.76 -38.82
N LYS C 98 7.71 10.13 -39.99
CA LYS C 98 8.13 10.79 -41.22
C LYS C 98 7.19 11.92 -41.66
N SER C 99 5.93 11.84 -41.24
CA SER C 99 4.94 12.89 -41.56
C SER C 99 5.09 14.18 -40.73
N TYR C 100 5.99 14.16 -39.75
CA TYR C 100 6.26 15.35 -38.93
C TYR C 100 7.60 15.98 -39.34
N PRO C 101 7.56 17.15 -39.99
CA PRO C 101 8.79 17.79 -40.47
C PRO C 101 9.83 18.10 -39.38
N GLY C 102 11.06 17.63 -39.59
CA GLY C 102 12.16 17.89 -38.66
C GLY C 102 12.23 16.99 -37.44
N LEU C 103 11.20 16.16 -37.24
CA LEU C 103 11.13 15.26 -36.08
C LEU C 103 11.85 13.97 -36.40
N THR C 104 12.96 13.71 -35.70
CA THR C 104 13.75 12.50 -35.89
C THR C 104 13.67 11.52 -34.71
N SER C 105 13.14 11.96 -33.58
CA SER C 105 12.99 11.10 -32.41
C SER C 105 11.80 11.55 -31.56
N TYR C 106 11.16 10.58 -30.90
CA TYR C 106 9.98 10.85 -30.07
C TYR C 106 9.78 9.68 -29.10
N LEU C 107 9.78 9.98 -27.80
CA LEU C 107 9.60 8.95 -26.77
C LEU C 107 8.60 9.42 -25.72
N VAL C 108 7.71 8.52 -25.33
CA VAL C 108 6.78 8.74 -24.23
C VAL C 108 7.03 7.67 -23.18
N ARG C 109 7.08 8.08 -21.91
CA ARG C 109 7.18 7.13 -20.80
C ARG C 109 6.26 7.54 -19.67
N VAL C 110 5.31 6.67 -19.31
CA VAL C 110 4.45 6.91 -18.17
C VAL C 110 5.25 6.65 -16.89
N VAL C 111 5.47 7.70 -16.12
CA VAL C 111 6.31 7.64 -14.93
C VAL C 111 5.57 7.00 -13.76
N SER C 112 4.35 7.47 -13.53
CA SER C 112 3.52 6.95 -12.45
C SER C 112 2.05 7.28 -12.71
N THR C 113 1.17 6.40 -12.26
CA THR C 113 -0.28 6.64 -12.35
C THR C 113 -1.03 5.69 -11.45
N ASN C 114 -2.17 6.15 -10.93
CA ASN C 114 -3.13 5.29 -10.23
C ASN C 114 -4.38 5.08 -11.07
N TYR C 115 -4.35 5.57 -12.31
CA TYR C 115 -5.37 5.31 -13.33
C TYR C 115 -6.72 6.03 -13.14
N ASN C 116 -7.18 6.19 -11.90
CA ASN C 116 -8.50 6.81 -11.66
C ASN C 116 -8.47 8.26 -11.11
N GLN C 117 -7.28 8.79 -10.85
CA GLN C 117 -7.14 10.17 -10.34
C GLN C 117 -6.05 10.96 -11.08
N HIS C 118 -4.83 10.42 -11.08
CA HIS C 118 -3.68 11.16 -11.59
C HIS C 118 -2.66 10.31 -12.32
N ALA C 119 -1.80 11.00 -13.07
CA ALA C 119 -0.69 10.37 -13.78
C ALA C 119 0.40 11.40 -14.07
N MET C 120 1.63 10.92 -14.19
CA MET C 120 2.77 11.74 -14.61
C MET C 120 3.41 11.07 -15.82
N VAL C 121 3.55 11.83 -16.91
CA VAL C 121 4.06 11.30 -18.17
C VAL C 121 5.23 12.13 -18.70
N PHE C 122 6.31 11.43 -19.04
CA PHE C 122 7.54 12.05 -19.54
C PHE C 122 7.57 11.95 -21.07
N PHE C 123 7.89 13.06 -21.72
CA PHE C 123 8.00 13.12 -23.17
C PHE C 123 9.40 13.59 -23.54
N LYS C 124 9.97 13.01 -24.60
CA LYS C 124 11.27 13.45 -25.11
C LYS C 124 11.28 13.35 -26.63
N LYS C 125 11.70 14.43 -27.29
CA LYS C 125 11.81 14.44 -28.75
C LYS C 125 13.03 15.22 -29.23
N VAL C 126 13.46 14.90 -30.44
CA VAL C 126 14.52 15.64 -31.12
C VAL C 126 13.92 16.26 -32.39
N SER C 127 13.72 17.58 -32.35
CA SER C 127 13.15 18.32 -33.48
C SER C 127 14.17 19.37 -33.94
N GLN C 128 14.41 19.42 -35.24
CA GLN C 128 15.46 20.27 -35.82
C GLN C 128 16.80 20.04 -35.11
N ASN C 129 17.09 18.78 -34.79
CA ASN C 129 18.31 18.37 -34.08
C ASN C 129 18.47 18.95 -32.66
N ARG C 130 17.38 19.45 -32.09
CA ARG C 130 17.38 19.97 -30.72
C ARG C 130 16.54 19.05 -29.84
N GLU C 131 17.06 18.71 -28.67
CA GLU C 131 16.43 17.73 -27.79
C GLU C 131 15.54 18.40 -26.73
N TYR C 132 14.23 18.25 -26.89
CA TYR C 132 13.25 18.76 -25.93
C TYR C 132 12.75 17.63 -25.04
N PHE C 133 12.46 17.97 -23.79
CA PHE C 133 11.73 17.07 -22.90
C PHE C 133 10.69 17.85 -22.12
N LYS C 134 9.62 17.16 -21.73
CA LYS C 134 8.62 17.73 -20.85
C LYS C 134 7.97 16.67 -19.97
N ILE C 135 7.38 17.11 -18.88
CA ILE C 135 6.59 16.26 -18.00
C ILE C 135 5.21 16.87 -17.86
N THR C 136 4.18 16.05 -18.09
CA THR C 136 2.80 16.49 -17.91
CA THR C 136 2.79 16.48 -17.91
C THR C 136 2.20 15.83 -16.67
N LEU C 137 1.56 16.64 -15.84
CA LEU C 137 0.83 16.14 -14.67
C LEU C 137 -0.61 16.00 -15.15
N TYR C 138 -1.10 14.76 -15.18
CA TYR C 138 -2.44 14.46 -15.67
C TYR C 138 -3.42 14.32 -14.52
N GLY C 139 -4.63 14.85 -14.71
CA GLY C 139 -5.71 14.71 -13.74
C GLY C 139 -6.98 14.19 -14.42
N ARG C 140 -7.72 13.35 -13.70
CA ARG C 140 -9.00 12.85 -14.17
C ARG C 140 -10.05 13.97 -14.08
N THR C 141 -9.85 14.87 -13.11
CA THR C 141 -10.60 16.13 -12.99
C THR C 141 -9.64 17.31 -13.24
N LYS C 142 -10.18 18.53 -13.19
CA LYS C 142 -9.38 19.74 -13.41
C LYS C 142 -8.57 20.19 -12.20
N GLU C 143 -8.84 19.60 -11.03
CA GLU C 143 -8.14 19.98 -9.81
C GLU C 143 -7.25 18.87 -9.29
N LEU C 144 -6.09 19.25 -8.75
CA LEU C 144 -5.20 18.30 -8.08
C LEU C 144 -4.80 18.83 -6.70
N THR C 145 -4.53 17.89 -5.80
CA THR C 145 -4.14 18.21 -4.43
C THR C 145 -2.75 18.84 -4.38
N SER C 146 -2.45 19.49 -3.26
CA SER C 146 -1.17 20.13 -3.04
CA SER C 146 -1.17 20.13 -3.04
C SER C 146 -0.06 19.09 -2.94
N GLU C 147 -0.39 17.91 -2.43
CA GLU C 147 0.54 16.80 -2.30
C GLU C 147 1.02 16.33 -3.67
N LEU C 148 0.08 16.14 -4.60
CA LEU C 148 0.42 15.73 -5.96
C LEU C 148 1.14 16.84 -6.71
N LYS C 149 0.71 18.08 -6.50
CA LYS C 149 1.35 19.25 -7.08
C LYS C 149 2.82 19.35 -6.67
N GLU C 150 3.08 19.23 -5.36
CA GLU C 150 4.44 19.30 -4.83
CA GLU C 150 4.45 19.31 -4.85
C GLU C 150 5.30 18.10 -5.24
N ASN C 151 4.65 16.95 -5.39
CA ASN C 151 5.32 15.75 -5.89
C ASN C 151 5.82 15.98 -7.31
N PHE C 152 4.98 16.63 -8.13
CA PHE C 152 5.29 16.96 -9.51
C PHE C 152 6.39 18.02 -9.63
N ILE C 153 6.33 19.04 -8.78
CA ILE C 153 7.38 20.06 -8.70
C ILE C 153 8.72 19.41 -8.31
N ARG C 154 8.67 18.57 -7.28
CA ARG C 154 9.85 17.83 -6.82
C ARG C 154 10.49 16.98 -7.93
N PHE C 155 9.66 16.27 -8.70
CA PHE C 155 10.15 15.42 -9.76
C PHE C 155 10.75 16.23 -10.90
N SER C 156 10.06 17.30 -11.29
CA SER C 156 10.53 18.20 -12.33
C SER C 156 11.90 18.81 -11.99
N LYS C 157 12.07 19.22 -10.73
CA LYS C 157 13.34 19.76 -10.25
C LYS C 157 14.46 18.72 -10.32
N SER C 158 14.12 17.46 -10.04
CA SER C 158 15.10 16.37 -10.07
C SER C 158 15.64 16.10 -11.47
N LEU C 159 14.88 16.51 -12.49
CA LEU C 159 15.32 16.41 -13.89
C LEU C 159 15.99 17.71 -14.36
N GLY C 160 16.23 18.63 -13.42
CA GLY C 160 17.04 19.82 -13.69
C GLY C 160 16.27 21.06 -14.09
N LEU C 161 14.95 21.03 -13.93
CA LEU C 161 14.10 22.16 -14.31
C LEU C 161 13.93 23.14 -13.14
N PRO C 162 14.17 24.45 -13.38
CA PRO C 162 13.89 25.47 -12.37
C PRO C 162 12.42 25.86 -12.34
N GLU C 163 12.03 26.58 -11.30
CA GLU C 163 10.63 26.94 -11.04
C GLU C 163 9.91 27.61 -12.20
N ASN C 164 10.62 28.45 -12.95
CA ASN C 164 10.01 29.16 -14.08
C ASN C 164 9.77 28.28 -15.32
N HIS C 165 10.25 27.04 -15.27
CA HIS C 165 9.97 26.04 -16.31
C HIS C 165 8.89 25.03 -15.86
N ILE C 166 8.20 25.33 -14.77
CA ILE C 166 7.14 24.49 -14.24
C ILE C 166 5.87 25.33 -14.16
N VAL C 167 4.86 24.94 -14.93
CA VAL C 167 3.61 25.70 -15.05
C VAL C 167 2.40 24.87 -14.63
N PHE C 168 1.37 25.55 -14.12
CA PHE C 168 0.12 24.93 -13.75
C PHE C 168 -1.03 25.59 -14.50
N PRO C 169 -1.43 25.00 -15.64
CA PRO C 169 -2.48 25.55 -16.50
C PRO C 169 -3.78 25.88 -15.75
N VAL C 170 -4.32 27.07 -16.02
CA VAL C 170 -5.52 27.55 -15.37
C VAL C 170 -6.75 26.80 -15.92
N PRO C 171 -7.57 26.21 -15.03
CA PRO C 171 -8.78 25.53 -15.48
C PRO C 171 -9.72 26.42 -16.28
N ILE C 172 -10.20 25.90 -17.42
CA ILE C 172 -11.21 26.57 -18.24
C ILE C 172 -12.32 25.57 -18.58
N ASP C 173 -13.41 26.08 -19.15
CA ASP C 173 -14.55 25.23 -19.54
C ASP C 173 -14.66 25.05 -21.06
N GLN C 174 -14.04 25.94 -21.82
CA GLN C 174 -14.16 25.95 -23.27
C GLN C 174 -13.33 24.83 -23.89
N CYS C 175 -13.96 24.07 -24.80
CA CYS C 175 -13.31 23.01 -25.60
C CYS C 175 -13.03 21.71 -24.87
N ILE C 176 -12.44 21.80 -23.68
CA ILE C 176 -11.94 20.62 -22.96
C ILE C 176 -13.01 19.82 -22.23
N ASP C 177 -14.13 20.45 -21.88
CA ASP C 177 -15.25 19.76 -21.24
C ASP C 177 -16.02 18.93 -22.25
FE FE D . -3.78 -24.06 -5.92
C1 CAQ E . -7.34 -23.61 -2.53
C2 CAQ E . -6.14 -23.61 -3.23
C3 CAQ E . -4.93 -23.63 -2.54
O3 CAQ E . -3.76 -23.65 -3.24
C4 CAQ E . -4.92 -23.65 -1.15
O4 CAQ E . -3.74 -23.68 -0.46
C5 CAQ E . -6.12 -23.64 -0.44
C6 CAQ E . -7.33 -23.62 -1.13
NA NA F . -21.40 -23.45 2.17
NA NA G . 13.91 -22.67 -3.30
CL CL H . -2.63 -17.17 -7.14
C1 GOL I . 10.32 -3.06 -6.70
O1 GOL I . 8.94 -3.00 -6.97
C2 GOL I . 11.11 -2.85 -8.00
O2 GOL I . 10.90 -3.95 -8.86
C3 GOL I . 12.60 -2.66 -7.71
O3 GOL I . 13.35 -3.77 -8.12
C1 GOL J . -4.86 -34.98 -17.53
O1 GOL J . -4.04 -36.11 -17.78
C2 GOL J . -5.46 -34.47 -18.83
O2 GOL J . -5.53 -33.06 -18.80
C3 GOL J . -6.85 -35.05 -19.04
O3 GOL J . -7.19 -35.02 -20.42
C1 GOL K . 0.46 4.19 4.65
O1 GOL K . -0.59 3.45 4.05
C2 GOL K . 1.47 4.61 3.59
O2 GOL K . 0.84 5.41 2.62
C3 GOL K . 2.12 3.40 2.92
O3 GOL K . 2.73 2.55 3.86
CL CL L . 1.29 -28.03 -10.97
CL CL M . -4.53 -29.97 -5.76
CL CL N . -2.10 -27.56 0.47
CL CL O . -9.36 1.95 -3.13
FE FE P . 6.50 -1.29 37.18
CL CL Q . 0.82 1.06 34.14
CL CL R . 5.97 1.02 42.77
FE FE S . 4.04 17.05 -28.85
C1 CAQ T . 8.96 17.47 -25.56
C2 CAQ T . 8.20 18.60 -25.85
C3 CAQ T . 7.05 18.47 -26.62
O3 CAQ T . 6.29 19.57 -26.93
C4 CAQ T . 6.65 17.22 -27.08
O4 CAQ T . 5.51 17.09 -27.83
C5 CAQ T . 7.40 16.09 -26.77
C6 CAQ T . 8.57 16.22 -26.00
NA NA U . -3.18 5.75 -4.92
NA NA V . 16.50 29.24 -17.35
NA NA W . -5.27 20.63 -0.77
NA NA X . -5.26 32.87 -26.44
C1 GOL Y . 0.47 21.18 -33.55
O1 GOL Y . 0.18 20.92 -32.19
C2 GOL Y . -0.62 20.57 -34.43
O2 GOL Y . -0.28 19.24 -34.76
C3 GOL Y . -0.82 21.40 -35.71
O3 GOL Y . 0.42 21.70 -36.32
C1 GOL Z . 0.93 -1.62 -22.93
O1 GOL Z . 1.68 -2.01 -21.81
C2 GOL Z . 1.34 -0.22 -23.38
O2 GOL Z . 0.24 0.39 -24.00
C3 GOL Z . 2.50 -0.26 -24.36
O3 GOL Z . 3.63 0.40 -23.82
C1 GOL AA . 12.21 7.15 -31.87
O1 GOL AA . 11.77 7.18 -30.53
C2 GOL AA . 11.33 6.20 -32.69
O2 GOL AA . 12.13 5.54 -33.63
C3 GOL AA . 10.23 6.98 -33.40
O3 GOL AA . 9.48 7.75 -32.48
C1 GOL BA . 8.34 22.73 -27.64
O1 GOL BA . 6.98 22.60 -27.98
C2 GOL BA . 9.15 23.12 -28.88
O2 GOL BA . 8.62 24.30 -29.45
C3 GOL BA . 9.15 21.98 -29.89
O3 GOL BA . 9.65 22.41 -31.14
C1 GOL CA . 6.67 4.02 -9.94
O1 GOL CA . 6.64 5.08 -10.87
C2 GOL CA . 6.77 2.68 -10.66
O2 GOL CA . 5.73 1.82 -10.25
C3 GOL CA . 8.12 2.01 -10.44
O3 GOL CA . 9.05 2.49 -11.39
C1 GOL DA . 14.05 28.87 -31.30
O1 GOL DA . 14.56 29.14 -30.02
C2 GOL DA . 14.83 27.72 -31.95
O2 GOL DA . 16.19 28.08 -32.05
C3 GOL DA . 14.28 27.40 -33.33
O3 GOL DA . 14.39 26.01 -33.60
C1 GOL EA . -9.75 -0.42 -33.62
O1 GOL EA . -10.96 0.13 -34.08
C2 GOL EA . -8.84 -0.78 -34.80
O2 GOL EA . -7.53 -1.04 -34.34
C3 GOL EA . -8.80 0.35 -35.83
O3 GOL EA . -8.72 1.60 -35.20
C1 GOL FA . -11.84 7.51 -13.50
O1 GOL FA . -12.05 6.44 -12.61
C2 GOL FA . -12.52 7.21 -14.84
O2 GOL FA . -11.90 6.10 -15.45
C3 GOL FA . -12.42 8.42 -15.77
O3 GOL FA . -13.04 9.56 -15.22
CL CL GA . 7.08 17.68 -33.59
#